data_9IQV
#
_entry.id   9IQV
#
_cell.length_a   1.00
_cell.length_b   1.00
_cell.length_c   1.00
_cell.angle_alpha   90.00
_cell.angle_beta   90.00
_cell.angle_gamma   90.00
#
_symmetry.space_group_name_H-M   'P 1'
#
loop_
_entity.id
_entity.type
_entity.pdbx_description
1 polymer 'Muscarinic toxin 3'
2 polymer 'Alpha-1A adrenergic receptor,Soluble cytochrome b562'
#
loop_
_entity_poly.entity_id
_entity_poly.type
_entity_poly.pdbx_seq_one_letter_code
_entity_poly.pdbx_strand_id
1 'polypeptide(L)' LTCVTKNTIFGITTENCPAGQNLCFKRWHYVIPRYTEITRGCAATCPIPENYDSIHCCKTDKCNE A
2 'polypeptide(L)'
;SGNASDSSNCTQPPAPVNISKAILLGVILGGLILFGVLGNILVILSVACHRHLHSVTHYYIVNLAVADLLLTSTVLPFSA
IFEVLGYWAFGRVFCNIWAAVDVLCCTASIMGLCIISIDRYIGVSYPLRYPTIVTQRRGLMALLCVWALSLVISIGPLFG
WRQPAPEDETICQINEEPGYVLFSALGSFYLPLAIILVMYCRVYVVAKRELADLEDNWETLNDNLKVIEKADNAAQVKDA
LTKMRAAALDAQKASGSGSPEMKDFRHGFDILVGQIDDALKLANEGKVKEAQAAAEQLKTTRNAYIQKYLLKFSREKKAA
KTLGIVVGCFVLCWLPFFLVMPIGSFFPDFKPSETVFKIVFWLGYLNSCINPIIYPCSSQEFKKAFQNVLKIAALKEKIA
ALKEKIAALKEAEEKRASRLEEELRRRLTEGSHHHHHHHH
;
B
#
# COMPACT_ATOMS: atom_id res chain seq x y z
N LEU A 1 -39.26 13.97 2.62
CA LEU A 1 -38.13 13.04 2.75
C LEU A 1 -36.85 13.76 3.15
N THR A 2 -35.98 13.05 3.88
CA THR A 2 -34.67 13.55 4.27
C THR A 2 -33.65 12.44 3.99
N CYS A 3 -32.80 12.65 2.99
CA CYS A 3 -31.76 11.70 2.64
C CYS A 3 -30.40 12.25 3.07
N VAL A 4 -29.64 11.45 3.83
CA VAL A 4 -28.24 11.76 4.05
C VAL A 4 -27.49 11.63 2.72
N THR A 5 -26.57 12.55 2.48
CA THR A 5 -25.89 12.59 1.19
C THR A 5 -24.39 12.38 1.29
N LYS A 6 -23.69 13.17 2.11
CA LYS A 6 -22.23 13.12 2.19
C LYS A 6 -21.83 12.58 3.55
N ASN A 7 -20.99 11.55 3.55
CA ASN A 7 -20.49 10.94 4.77
C ASN A 7 -19.00 11.24 4.90
N THR A 8 -18.62 11.86 6.01
CA THR A 8 -17.23 12.18 6.32
C THR A 8 -16.92 11.69 7.72
N ILE A 9 -15.63 11.66 8.06
CA ILE A 9 -15.25 11.32 9.42
C ILE A 9 -15.75 12.37 10.40
N PHE A 10 -15.97 13.60 9.94
CA PHE A 10 -16.60 14.63 10.76
C PHE A 10 -18.02 14.26 11.17
N GLY A 11 -18.68 13.41 10.40
CA GLY A 11 -20.04 13.00 10.65
C GLY A 11 -20.79 12.86 9.34
N ILE A 12 -22.12 12.86 9.43
CA ILE A 12 -22.98 12.74 8.28
C ILE A 12 -23.62 14.09 7.99
N THR A 13 -24.17 14.22 6.78
CA THR A 13 -24.84 15.45 6.35
C THR A 13 -26.22 15.08 5.84
N THR A 14 -27.24 15.54 6.55
CA THR A 14 -28.63 15.23 6.23
C THR A 14 -29.35 16.50 5.77
N GLU A 15 -29.90 16.46 4.56
CA GLU A 15 -30.77 17.51 4.08
C GLU A 15 -31.91 16.89 3.29
N ASN A 16 -33.05 17.57 3.28
CA ASN A 16 -34.27 17.04 2.70
C ASN A 16 -34.17 17.00 1.18
N CYS A 17 -35.25 16.55 0.54
CA CYS A 17 -35.32 16.44 -0.91
C CYS A 17 -36.20 17.56 -1.47
N PRO A 18 -35.78 18.18 -2.59
CA PRO A 18 -36.61 19.25 -3.19
C PRO A 18 -37.84 18.69 -3.88
N ALA A 19 -38.60 19.56 -4.54
CA ALA A 19 -39.81 19.14 -5.22
C ALA A 19 -39.47 18.20 -6.37
N GLY A 20 -40.26 17.13 -6.49
CA GLY A 20 -40.07 16.11 -7.51
C GLY A 20 -39.22 14.93 -7.07
N GLN A 21 -38.14 15.19 -6.35
CA GLN A 21 -37.24 14.13 -5.88
C GLN A 21 -37.79 13.58 -4.57
N ASN A 22 -38.04 12.26 -4.55
CA ASN A 22 -38.67 11.65 -3.38
C ASN A 22 -38.09 10.28 -3.03
N LEU A 23 -36.84 9.98 -3.43
CA LEU A 23 -36.21 8.71 -3.12
C LEU A 23 -34.79 8.94 -2.64
N CYS A 24 -34.28 7.99 -1.87
CA CYS A 24 -32.89 7.95 -1.45
C CYS A 24 -32.17 6.85 -2.20
N PHE A 25 -31.00 7.16 -2.75
CA PHE A 25 -30.24 6.19 -3.53
C PHE A 25 -28.77 6.22 -3.13
N LYS A 26 -28.09 5.11 -3.38
CA LYS A 26 -26.66 4.98 -3.13
C LYS A 26 -26.01 4.36 -4.36
N ARG A 27 -25.03 5.05 -4.93
CA ARG A 27 -24.41 4.63 -6.19
C ARG A 27 -22.91 4.44 -6.02
N TRP A 28 -22.40 3.32 -6.49
CA TRP A 28 -20.98 3.00 -6.45
C TRP A 28 -20.31 3.44 -7.75
N HIS A 29 -19.00 3.65 -7.69
CA HIS A 29 -18.24 4.08 -8.86
C HIS A 29 -16.80 3.60 -8.72
N TYR A 30 -16.29 2.98 -9.78
CA TYR A 30 -15.03 2.22 -9.71
C TYR A 30 -13.87 3.14 -10.08
N VAL A 31 -13.47 3.97 -9.11
CA VAL A 31 -12.41 4.95 -9.38
C VAL A 31 -11.07 4.26 -9.53
N ILE A 32 -10.79 3.28 -8.69
CA ILE A 32 -9.43 2.80 -8.48
C ILE A 32 -9.49 1.52 -7.64
N PRO A 33 -8.57 0.57 -7.80
CA PRO A 33 -8.66 -0.68 -7.04
C PRO A 33 -8.71 -0.53 -5.53
N ARG A 34 -8.38 0.63 -4.97
CA ARG A 34 -8.42 0.79 -3.52
C ARG A 34 -9.30 1.94 -3.04
N TYR A 35 -10.12 2.54 -3.91
CA TYR A 35 -11.07 3.55 -3.46
C TYR A 35 -12.24 3.55 -4.43
N THR A 36 -13.33 2.89 -4.05
CA THR A 36 -14.54 2.84 -4.85
C THR A 36 -15.49 3.93 -4.32
N GLU A 37 -15.58 5.03 -5.06
CA GLU A 37 -16.36 6.16 -4.59
C GLU A 37 -17.84 5.80 -4.51
N ILE A 38 -18.49 6.26 -3.45
CA ILE A 38 -19.89 5.97 -3.19
C ILE A 38 -20.62 7.29 -3.01
N THR A 39 -21.56 7.58 -3.89
CA THR A 39 -22.37 8.78 -3.79
C THR A 39 -23.78 8.42 -3.31
N ARG A 40 -24.44 9.42 -2.74
CA ARG A 40 -25.74 9.19 -2.13
C ARG A 40 -26.50 10.52 -2.10
N GLY A 41 -27.81 10.47 -2.33
CA GLY A 41 -28.58 11.69 -2.34
C GLY A 41 -30.03 11.42 -2.69
N CYS A 42 -30.76 12.51 -2.91
CA CYS A 42 -32.16 12.44 -3.30
C CYS A 42 -32.29 12.18 -4.79
N ALA A 43 -33.46 11.69 -5.19
CA ALA A 43 -33.72 11.41 -6.60
C ALA A 43 -35.22 11.26 -6.80
N ALA A 44 -35.72 11.80 -7.91
CA ALA A 44 -37.09 11.51 -8.32
C ALA A 44 -37.23 10.05 -8.75
N THR A 45 -36.21 9.51 -9.43
CA THR A 45 -36.13 8.10 -9.75
C THR A 45 -34.67 7.73 -9.77
N CYS A 46 -34.31 6.65 -9.08
CA CYS A 46 -32.91 6.28 -8.98
C CYS A 46 -32.35 5.93 -10.35
N PRO A 47 -31.30 6.60 -10.81
CA PRO A 47 -30.85 6.42 -12.20
C PRO A 47 -30.33 5.01 -12.46
N ILE A 48 -30.48 4.59 -13.71
CA ILE A 48 -29.98 3.28 -14.14
C ILE A 48 -28.46 3.29 -14.11
N PRO A 49 -27.80 2.15 -13.92
CA PRO A 49 -26.33 2.14 -13.87
C PRO A 49 -25.72 2.22 -15.26
N GLU A 50 -24.73 3.10 -15.41
CA GLU A 50 -23.91 3.17 -16.62
C GLU A 50 -22.44 3.14 -16.23
N ASN A 51 -21.60 2.82 -17.21
CA ASN A 51 -20.15 2.74 -17.02
C ASN A 51 -19.78 1.72 -15.96
N TYR A 52 -20.51 0.60 -15.94
CA TYR A 52 -20.32 -0.47 -14.96
C TYR A 52 -20.43 0.04 -13.53
N ASP A 53 -21.30 1.01 -13.29
CA ASP A 53 -21.59 1.43 -11.93
C ASP A 53 -22.57 0.46 -11.29
N SER A 54 -23.08 0.84 -10.13
CA SER A 54 -24.09 0.05 -9.44
C SER A 54 -24.80 0.95 -8.45
N ILE A 55 -26.12 0.78 -8.34
CA ILE A 55 -26.94 1.70 -7.58
C ILE A 55 -27.84 0.92 -6.62
N HIS A 56 -28.03 1.50 -5.44
CA HIS A 56 -28.94 0.98 -4.42
C HIS A 56 -30.15 1.90 -4.37
N CYS A 57 -31.34 1.32 -4.57
CA CYS A 57 -32.58 2.08 -4.57
C CYS A 57 -33.40 1.67 -3.35
N CYS A 58 -33.76 2.65 -2.52
CA CYS A 58 -34.47 2.40 -1.27
C CYS A 58 -35.56 3.44 -1.13
N LYS A 59 -36.31 3.37 -0.02
CA LYS A 59 -37.53 4.17 0.08
C LYS A 59 -37.37 5.50 0.79
N THR A 60 -37.06 5.49 2.09
CA THR A 60 -37.15 6.69 2.92
C THR A 60 -36.25 6.57 4.13
N ASP A 61 -36.22 7.64 4.94
CA ASP A 61 -35.66 7.66 6.28
C ASP A 61 -34.16 7.41 6.34
N LYS A 62 -33.40 8.03 5.42
CA LYS A 62 -31.96 7.91 5.40
C LYS A 62 -31.53 6.44 5.41
N CYS A 63 -32.25 5.60 4.69
CA CYS A 63 -32.07 4.17 4.79
C CYS A 63 -30.75 3.74 4.15
N ASN A 64 -30.39 2.47 4.38
CA ASN A 64 -29.21 1.74 3.91
C ASN A 64 -27.94 2.21 4.61
N GLU A 65 -28.05 3.24 5.45
CA GLU A 65 -26.94 3.69 6.28
C GLU A 65 -27.44 4.18 7.63
N ASN B 18 -12.58 -0.02 -24.85
CA ASN B 18 -11.41 0.20 -25.69
C ASN B 18 -10.49 -1.02 -25.68
N ILE B 19 -10.46 -1.74 -26.81
CA ILE B 19 -9.61 -2.93 -26.92
C ILE B 19 -8.14 -2.53 -26.90
N SER B 20 -7.79 -1.42 -27.53
CA SER B 20 -6.41 -0.96 -27.52
C SER B 20 -5.95 -0.63 -26.11
N LYS B 21 -6.79 0.09 -25.35
CA LYS B 21 -6.44 0.39 -23.97
C LYS B 21 -6.34 -0.89 -23.14
N ALA B 22 -7.25 -1.83 -23.37
CA ALA B 22 -7.22 -3.09 -22.62
C ALA B 22 -5.93 -3.85 -22.88
N ILE B 23 -5.55 -3.99 -24.14
CA ILE B 23 -4.35 -4.76 -24.46
C ILE B 23 -3.09 -4.03 -23.99
N LEU B 24 -3.07 -2.70 -24.09
CA LEU B 24 -1.91 -1.95 -23.61
C LEU B 24 -1.74 -2.12 -22.11
N LEU B 25 -2.83 -1.94 -21.35
CA LEU B 25 -2.76 -2.13 -19.91
C LEU B 25 -2.35 -3.55 -19.58
N GLY B 26 -2.92 -4.53 -20.26
CA GLY B 26 -2.60 -5.92 -19.98
C GLY B 26 -1.12 -6.23 -20.19
N VAL B 27 -0.57 -5.81 -21.34
CA VAL B 27 0.82 -6.13 -21.62
C VAL B 27 1.75 -5.37 -20.68
N ILE B 28 1.49 -4.08 -20.45
CA ILE B 28 2.38 -3.30 -19.59
C ILE B 28 2.38 -3.85 -18.18
N LEU B 29 1.20 -4.14 -17.63
CA LEU B 29 1.13 -4.63 -16.26
C LEU B 29 1.65 -6.05 -16.15
N GLY B 30 1.45 -6.89 -17.17
CA GLY B 30 2.05 -8.22 -17.15
C GLY B 30 3.56 -8.15 -17.13
N GLY B 31 4.13 -7.28 -17.96
CA GLY B 31 5.57 -7.10 -17.92
C GLY B 31 6.06 -6.61 -16.58
N LEU B 32 5.36 -5.63 -16.01
CA LEU B 32 5.76 -5.10 -14.70
C LEU B 32 5.70 -6.16 -13.61
N ILE B 33 4.62 -6.94 -13.58
CA ILE B 33 4.48 -7.93 -12.51
C ILE B 33 5.48 -9.07 -12.69
N LEU B 34 5.69 -9.52 -13.93
CA LEU B 34 6.68 -10.57 -14.15
C LEU B 34 8.08 -10.10 -13.77
N PHE B 35 8.42 -8.86 -14.14
CA PHE B 35 9.72 -8.33 -13.78
C PHE B 35 9.87 -8.18 -12.28
N GLY B 36 8.81 -7.76 -11.60
CA GLY B 36 8.87 -7.64 -10.15
C GLY B 36 9.07 -8.97 -9.46
N VAL B 37 8.32 -9.99 -9.89
CA VAL B 37 8.51 -11.33 -9.34
C VAL B 37 9.93 -11.80 -9.58
N LEU B 38 10.42 -11.64 -10.80
CA LEU B 38 11.76 -12.11 -11.15
C LEU B 38 12.82 -11.39 -10.33
N GLY B 39 12.69 -10.07 -10.20
CA GLY B 39 13.66 -9.29 -9.44
C GLY B 39 13.68 -9.61 -7.96
N ASN B 40 12.51 -9.74 -7.35
CA ASN B 40 12.47 -10.09 -5.93
C ASN B 40 13.00 -11.50 -5.69
N ILE B 41 12.65 -12.44 -6.57
CA ILE B 41 13.19 -13.80 -6.45
C ILE B 41 14.71 -13.76 -6.61
N LEU B 42 15.20 -12.92 -7.52
CA LEU B 42 16.64 -12.80 -7.72
C LEU B 42 17.32 -12.24 -6.47
N VAL B 43 16.71 -11.25 -5.83
CA VAL B 43 17.27 -10.70 -4.60
C VAL B 43 17.31 -11.77 -3.52
N ILE B 44 16.23 -12.53 -3.36
CA ILE B 44 16.18 -13.58 -2.34
C ILE B 44 17.26 -14.62 -2.60
N LEU B 45 17.39 -15.05 -3.85
CA LEU B 45 18.39 -16.06 -4.19
C LEU B 45 19.80 -15.53 -3.96
N SER B 46 20.06 -14.28 -4.36
CA SER B 46 21.41 -13.74 -4.22
C SER B 46 21.80 -13.62 -2.75
N VAL B 47 20.89 -13.14 -1.90
CA VAL B 47 21.23 -13.03 -0.49
C VAL B 47 21.36 -14.42 0.14
N ALA B 48 20.50 -15.36 -0.26
CA ALA B 48 20.49 -16.68 0.35
C ALA B 48 21.66 -17.54 -0.08
N CYS B 49 22.17 -17.35 -1.30
CA CYS B 49 23.21 -18.24 -1.82
C CYS B 49 24.59 -17.94 -1.27
N HIS B 50 24.75 -16.87 -0.50
CA HIS B 50 26.04 -16.49 0.06
C HIS B 50 26.02 -16.66 1.58
N ARG B 51 26.85 -17.57 2.09
CA ARG B 51 26.97 -17.73 3.53
C ARG B 51 27.54 -16.49 4.18
N HIS B 52 28.53 -15.87 3.54
CA HIS B 52 29.17 -14.67 4.10
C HIS B 52 28.21 -13.50 4.16
N LEU B 53 27.27 -13.41 3.22
CA LEU B 53 26.33 -12.30 3.19
C LEU B 53 25.27 -12.39 4.28
N HIS B 54 25.22 -13.48 5.03
CA HIS B 54 24.19 -13.67 6.05
C HIS B 54 24.47 -12.73 7.22
N SER B 55 23.79 -11.59 7.22
CA SER B 55 23.81 -10.66 8.34
C SER B 55 22.37 -10.22 8.61
N VAL B 56 22.17 -9.63 9.79
CA VAL B 56 20.82 -9.24 10.19
C VAL B 56 20.25 -8.19 9.24
N THR B 57 21.08 -7.28 8.74
CA THR B 57 20.61 -6.31 7.76
C THR B 57 20.20 -6.99 6.46
N HIS B 58 20.97 -7.99 6.02
CA HIS B 58 20.59 -8.74 4.84
C HIS B 58 19.31 -9.54 5.09
N TYR B 59 19.12 -10.03 6.31
CA TYR B 59 17.85 -10.69 6.65
C TYR B 59 16.68 -9.71 6.55
N TYR B 60 16.88 -8.47 6.99
CA TYR B 60 15.84 -7.46 6.87
C TYR B 60 15.55 -7.15 5.40
N ILE B 61 16.59 -7.08 4.57
CA ILE B 61 16.40 -6.87 3.13
C ILE B 61 15.62 -8.03 2.52
N VAL B 62 15.92 -9.26 2.97
CA VAL B 62 15.15 -10.42 2.54
C VAL B 62 13.69 -10.29 2.96
N ASN B 63 13.45 -9.81 4.17
CA ASN B 63 12.08 -9.60 4.62
C ASN B 63 11.36 -8.62 3.70
N LEU B 64 12.00 -7.51 3.38
CA LEU B 64 11.39 -6.51 2.51
C LEU B 64 11.12 -7.08 1.13
N ALA B 65 12.07 -7.85 0.60
CA ALA B 65 11.91 -8.44 -0.73
C ALA B 65 10.80 -9.48 -0.74
N VAL B 66 10.68 -10.28 0.32
CA VAL B 66 9.59 -11.25 0.40
C VAL B 66 8.25 -10.54 0.48
N ALA B 67 8.16 -9.47 1.28
CA ALA B 67 6.91 -8.73 1.37
C ALA B 67 6.52 -8.16 0.02
N ASP B 68 7.49 -7.56 -0.69
CA ASP B 68 7.21 -7.02 -2.02
C ASP B 68 6.83 -8.12 -3.00
N LEU B 69 7.51 -9.28 -2.91
CA LEU B 69 7.23 -10.38 -3.82
C LEU B 69 5.83 -10.93 -3.63
N LEU B 70 5.40 -11.10 -2.38
CA LEU B 70 4.06 -11.61 -2.14
C LEU B 70 3.01 -10.57 -2.53
N LEU B 71 3.27 -9.30 -2.20
CA LEU B 71 2.38 -8.23 -2.66
C LEU B 71 2.19 -8.28 -4.16
N THR B 72 3.30 -8.36 -4.90
CA THR B 72 3.22 -8.48 -6.35
C THR B 72 2.38 -9.69 -6.72
N SER B 73 2.87 -10.88 -6.39
CA SER B 73 2.28 -12.12 -6.90
C SER B 73 0.82 -12.30 -6.53
N THR B 74 0.34 -11.64 -5.47
CA THR B 74 -1.09 -11.75 -5.13
C THR B 74 -1.90 -10.55 -5.61
N VAL B 75 -1.55 -9.34 -5.16
CA VAL B 75 -2.38 -8.19 -5.44
C VAL B 75 -2.23 -7.74 -6.89
N LEU B 76 -1.00 -7.66 -7.39
CA LEU B 76 -0.76 -6.98 -8.67
C LEU B 76 -1.52 -7.59 -9.83
N PRO B 77 -1.53 -8.91 -10.05
CA PRO B 77 -2.41 -9.43 -11.12
C PRO B 77 -3.87 -9.09 -10.88
N PHE B 78 -4.33 -9.13 -9.64
CA PHE B 78 -5.74 -8.89 -9.37
C PHE B 78 -6.08 -7.41 -9.49
N SER B 79 -5.20 -6.52 -9.03
CA SER B 79 -5.43 -5.09 -9.24
C SER B 79 -5.38 -4.73 -10.71
N ALA B 80 -4.46 -5.36 -11.46
CA ALA B 80 -4.39 -5.12 -12.90
C ALA B 80 -5.65 -5.61 -13.59
N ILE B 81 -6.21 -6.74 -13.14
CA ILE B 81 -7.45 -7.24 -13.72
C ILE B 81 -8.62 -6.32 -13.36
N PHE B 82 -8.62 -5.80 -12.13
CA PHE B 82 -9.61 -4.80 -11.75
C PHE B 82 -9.53 -3.58 -12.66
N GLU B 83 -8.32 -3.16 -13.00
CA GLU B 83 -8.13 -2.04 -13.92
C GLU B 83 -8.63 -2.38 -15.33
N VAL B 84 -8.18 -3.51 -15.87
CA VAL B 84 -8.45 -3.83 -17.28
C VAL B 84 -9.93 -4.12 -17.49
N LEU B 85 -10.51 -4.96 -16.64
CA LEU B 85 -11.91 -5.33 -16.78
C LEU B 85 -12.82 -4.17 -16.39
N GLY B 86 -12.73 -3.73 -15.15
CA GLY B 86 -13.60 -2.71 -14.63
C GLY B 86 -14.58 -3.18 -13.58
N TYR B 87 -14.36 -4.34 -12.97
CA TYR B 87 -15.19 -4.84 -11.87
C TYR B 87 -14.47 -6.04 -11.27
N TRP B 88 -15.10 -6.66 -10.28
CA TRP B 88 -14.55 -7.83 -9.61
C TRP B 88 -15.19 -9.09 -10.19
N ALA B 89 -14.36 -9.97 -10.75
CA ALA B 89 -14.83 -11.20 -11.38
C ALA B 89 -14.55 -12.43 -10.53
N PHE B 90 -14.43 -12.28 -9.22
CA PHE B 90 -14.15 -13.38 -8.31
C PHE B 90 -15.14 -13.36 -7.15
N GLY B 91 -15.00 -14.34 -6.26
CA GLY B 91 -15.93 -14.45 -5.15
C GLY B 91 -15.77 -13.34 -4.13
N ARG B 92 -16.86 -13.06 -3.42
CA ARG B 92 -16.83 -12.00 -2.42
C ARG B 92 -15.85 -12.32 -1.30
N VAL B 93 -15.82 -13.58 -0.86
CA VAL B 93 -14.81 -13.98 0.12
C VAL B 93 -13.42 -13.86 -0.48
N PHE B 94 -13.27 -14.13 -1.78
CA PHE B 94 -12.00 -13.90 -2.44
C PHE B 94 -11.65 -12.42 -2.50
N CYS B 95 -12.67 -11.57 -2.67
CA CYS B 95 -12.41 -10.13 -2.61
C CYS B 95 -11.91 -9.73 -1.23
N ASN B 96 -12.52 -10.27 -0.17
CA ASN B 96 -12.06 -9.97 1.18
C ASN B 96 -10.64 -10.47 1.40
N ILE B 97 -10.34 -11.67 0.93
CA ILE B 97 -8.99 -12.24 1.10
C ILE B 97 -7.97 -11.40 0.35
N TRP B 98 -8.27 -11.02 -0.90
CA TRP B 98 -7.36 -10.20 -1.69
C TRP B 98 -7.12 -8.86 -1.03
N ALA B 99 -8.18 -8.21 -0.55
CA ALA B 99 -8.01 -6.90 0.08
C ALA B 99 -7.20 -7.01 1.37
N ALA B 100 -7.46 -8.06 2.17
CA ALA B 100 -6.70 -8.25 3.40
C ALA B 100 -5.23 -8.47 3.12
N VAL B 101 -4.91 -9.30 2.12
CA VAL B 101 -3.51 -9.52 1.77
C VAL B 101 -2.89 -8.24 1.24
N ASP B 102 -3.67 -7.45 0.49
CA ASP B 102 -3.17 -6.18 -0.03
C ASP B 102 -2.76 -5.24 1.09
N VAL B 103 -3.65 -5.02 2.06
CA VAL B 103 -3.31 -4.10 3.15
C VAL B 103 -2.20 -4.68 4.02
N LEU B 104 -2.20 -6.00 4.21
CA LEU B 104 -1.14 -6.64 4.98
C LEU B 104 0.23 -6.36 4.38
N CYS B 105 0.38 -6.58 3.07
CA CYS B 105 1.67 -6.36 2.45
C CYS B 105 2.03 -4.89 2.37
N CYS B 106 1.06 -4.03 2.05
CA CYS B 106 1.32 -2.60 1.97
C CYS B 106 1.77 -2.03 3.31
N THR B 107 1.34 -2.64 4.41
CA THR B 107 1.83 -2.22 5.72
C THR B 107 3.14 -2.89 6.09
N ALA B 108 3.30 -4.18 5.77
CA ALA B 108 4.50 -4.89 6.15
C ALA B 108 5.73 -4.37 5.43
N SER B 109 5.56 -3.82 4.21
CA SER B 109 6.71 -3.24 3.53
C SER B 109 7.28 -2.05 4.30
N ILE B 110 6.42 -1.12 4.71
CA ILE B 110 6.92 0.02 5.47
C ILE B 110 7.36 -0.40 6.86
N MET B 111 6.78 -1.48 7.41
CA MET B 111 7.27 -1.99 8.68
C MET B 111 8.69 -2.52 8.56
N GLY B 112 8.96 -3.28 7.50
CA GLY B 112 10.33 -3.73 7.26
C GLY B 112 11.28 -2.57 7.02
N LEU B 113 10.80 -1.52 6.36
CA LEU B 113 11.63 -0.33 6.18
C LEU B 113 11.96 0.33 7.51
N CYS B 114 10.99 0.39 8.43
CA CYS B 114 11.26 0.91 9.76
C CYS B 114 12.30 0.07 10.47
N ILE B 115 12.20 -1.26 10.33
CA ILE B 115 13.18 -2.15 10.96
C ILE B 115 14.58 -1.91 10.39
N ILE B 116 14.70 -1.81 9.07
CA ILE B 116 16.02 -1.56 8.49
C ILE B 116 16.52 -0.18 8.89
N SER B 117 15.63 0.78 9.09
CA SER B 117 16.07 2.09 9.55
C SER B 117 16.66 2.00 10.95
N ILE B 118 16.02 1.25 11.84
CA ILE B 118 16.58 1.08 13.19
C ILE B 118 17.92 0.36 13.12
N ASP B 119 17.99 -0.69 12.31
CA ASP B 119 19.24 -1.43 12.14
C ASP B 119 20.36 -0.52 11.66
N ARG B 120 20.09 0.32 10.67
CA ARG B 120 21.14 1.15 10.10
C ARG B 120 21.50 2.31 11.02
N TYR B 121 20.54 2.83 11.78
CA TYR B 121 20.91 3.84 12.79
C TYR B 121 21.86 3.26 13.81
N ILE B 122 21.55 2.06 14.32
CA ILE B 122 22.43 1.44 15.30
C ILE B 122 23.79 1.12 14.68
N GLY B 123 23.80 0.72 13.42
CA GLY B 123 25.06 0.44 12.74
C GLY B 123 25.91 1.69 12.54
N VAL B 124 25.28 2.81 12.21
CA VAL B 124 26.03 4.05 12.01
C VAL B 124 26.57 4.57 13.34
N SER B 125 25.73 4.57 14.38
CA SER B 125 26.13 5.17 15.65
C SER B 125 27.29 4.40 16.28
N TYR B 126 27.25 3.07 16.24
CA TYR B 126 28.22 2.22 16.92
C TYR B 126 28.75 1.18 15.95
N PRO B 127 29.67 1.57 15.05
CA PRO B 127 30.10 0.65 13.99
C PRO B 127 30.75 -0.62 14.49
N LEU B 128 31.47 -0.57 15.60
CA LEU B 128 32.18 -1.75 16.12
C LEU B 128 31.44 -2.46 17.24
N ARG B 129 30.62 -1.74 18.00
CA ARG B 129 29.77 -2.36 19.02
C ARG B 129 28.42 -2.80 18.45
N TYR B 130 28.21 -2.63 17.14
CA TYR B 130 26.94 -3.00 16.52
C TYR B 130 26.59 -4.47 16.70
N PRO B 131 27.51 -5.43 16.50
CA PRO B 131 27.12 -6.84 16.72
C PRO B 131 26.69 -7.13 18.15
N THR B 132 27.15 -6.36 19.13
CA THR B 132 26.74 -6.58 20.51
C THR B 132 25.43 -5.91 20.86
N ILE B 133 24.89 -5.07 19.98
CA ILE B 133 23.63 -4.38 20.20
C ILE B 133 22.50 -5.02 19.42
N VAL B 134 22.75 -5.33 18.14
CA VAL B 134 21.76 -6.01 17.32
C VAL B 134 22.28 -7.41 17.03
N THR B 135 21.88 -8.38 17.86
CA THR B 135 22.31 -9.76 17.69
C THR B 135 21.33 -10.51 16.79
N GLN B 136 21.70 -11.73 16.42
CA GLN B 136 20.84 -12.54 15.57
C GLN B 136 19.50 -12.81 16.25
N ARG B 137 19.53 -13.18 17.53
CA ARG B 137 18.29 -13.41 18.25
C ARG B 137 17.47 -12.14 18.38
N ARG B 138 18.13 -11.02 18.70
CA ARG B 138 17.42 -9.74 18.78
C ARG B 138 16.85 -9.34 17.43
N GLY B 139 17.62 -9.56 16.35
CA GLY B 139 17.13 -9.23 15.03
C GLY B 139 15.89 -10.04 14.66
N LEU B 140 15.94 -11.35 14.93
CA LEU B 140 14.78 -12.19 14.64
C LEU B 140 13.59 -11.84 15.52
N MET B 141 13.85 -11.47 16.78
CA MET B 141 12.76 -11.03 17.66
C MET B 141 12.08 -9.78 17.10
N ALA B 142 12.88 -8.81 16.66
CA ALA B 142 12.32 -7.60 16.06
C ALA B 142 11.55 -7.94 14.79
N LEU B 143 12.09 -8.84 13.97
CA LEU B 143 11.41 -9.24 12.74
C LEU B 143 10.05 -9.84 13.03
N LEU B 144 9.99 -10.80 13.95
CA LEU B 144 8.73 -11.45 14.27
C LEU B 144 7.75 -10.47 14.89
N CYS B 145 8.24 -9.59 15.77
CA CYS B 145 7.35 -8.61 16.39
C CYS B 145 6.76 -7.66 15.36
N VAL B 146 7.58 -7.21 14.40
CA VAL B 146 7.08 -6.26 13.42
C VAL B 146 6.13 -6.96 12.45
N TRP B 147 6.37 -8.22 12.12
CA TRP B 147 5.42 -8.97 11.30
C TRP B 147 4.08 -9.13 12.03
N ALA B 148 4.12 -9.42 13.32
CA ALA B 148 2.88 -9.56 14.09
C ALA B 148 2.15 -8.23 14.17
N LEU B 149 2.88 -7.13 14.37
CA LEU B 149 2.24 -5.81 14.43
C LEU B 149 1.63 -5.46 13.07
N SER B 150 2.30 -5.82 11.98
CA SER B 150 1.72 -5.61 10.66
C SER B 150 0.45 -6.43 10.48
N LEU B 151 0.45 -7.69 10.92
CA LEU B 151 -0.76 -8.51 10.85
C LEU B 151 -1.89 -7.87 11.63
N VAL B 152 -1.61 -7.35 12.82
CA VAL B 152 -2.65 -6.72 13.63
C VAL B 152 -3.20 -5.49 12.92
N ILE B 153 -2.32 -4.51 12.65
CA ILE B 153 -2.76 -3.24 12.06
C ILE B 153 -3.35 -3.44 10.68
N SER B 154 -3.09 -4.59 10.04
CA SER B 154 -3.77 -4.89 8.79
C SER B 154 -5.16 -5.47 9.05
N ILE B 155 -5.23 -6.64 9.69
CA ILE B 155 -6.48 -7.39 9.72
C ILE B 155 -7.51 -6.70 10.62
N GLY B 156 -7.09 -6.23 11.79
CA GLY B 156 -8.02 -5.69 12.76
C GLY B 156 -8.90 -4.54 12.28
N PRO B 157 -8.29 -3.48 11.72
CA PRO B 157 -9.09 -2.28 11.42
C PRO B 157 -10.26 -2.50 10.46
N LEU B 158 -10.11 -3.33 9.44
CA LEU B 158 -11.18 -3.44 8.45
C LEU B 158 -12.19 -4.53 8.77
N PHE B 159 -11.78 -5.58 9.47
CA PHE B 159 -12.72 -6.64 9.85
C PHE B 159 -13.24 -6.50 11.27
N GLY B 160 -12.48 -5.89 12.18
CA GLY B 160 -13.00 -5.61 13.50
C GLY B 160 -13.97 -4.45 13.55
N TRP B 161 -14.04 -3.66 12.47
CA TRP B 161 -14.98 -2.55 12.38
C TRP B 161 -15.36 -2.41 10.90
N ARG B 162 -16.47 -3.05 10.52
CA ARG B 162 -16.85 -3.15 9.12
C ARG B 162 -18.35 -2.98 8.96
N GLN B 163 -18.74 -2.24 7.92
CA GLN B 163 -20.14 -2.12 7.55
C GLN B 163 -20.62 -3.37 6.83
N PRO B 164 -21.93 -3.60 6.77
CA PRO B 164 -22.44 -4.76 6.05
C PRO B 164 -22.01 -4.75 4.59
N ALA B 165 -21.74 -5.95 4.07
CA ALA B 165 -21.22 -6.07 2.72
C ALA B 165 -22.24 -5.57 1.70
N PRO B 166 -21.81 -4.92 0.62
CA PRO B 166 -22.75 -4.43 -0.38
C PRO B 166 -23.45 -5.56 -1.11
N GLU B 167 -24.66 -5.26 -1.60
CA GLU B 167 -25.48 -6.29 -2.23
C GLU B 167 -24.84 -6.85 -3.50
N ASP B 168 -23.94 -6.09 -4.11
CA ASP B 168 -23.36 -6.50 -5.39
C ASP B 168 -22.14 -7.39 -5.17
N GLU B 169 -22.03 -8.43 -6.00
CA GLU B 169 -20.88 -9.32 -5.96
C GLU B 169 -19.72 -8.80 -6.78
N THR B 170 -19.88 -7.69 -7.50
CA THR B 170 -18.80 -7.08 -8.25
C THR B 170 -18.13 -5.94 -7.51
N ILE B 171 -18.69 -5.50 -6.39
CA ILE B 171 -18.08 -4.47 -5.57
C ILE B 171 -16.98 -5.10 -4.73
N CYS B 172 -15.79 -4.50 -4.75
CA CYS B 172 -14.71 -5.05 -3.96
C CYS B 172 -14.14 -4.02 -3.00
N GLN B 173 -15.01 -3.24 -2.36
CA GLN B 173 -14.58 -2.39 -1.27
C GLN B 173 -14.62 -3.17 0.04
N ILE B 174 -14.09 -2.55 1.09
CA ILE B 174 -13.96 -3.19 2.39
C ILE B 174 -14.64 -2.38 3.49
N ASN B 175 -14.33 -1.09 3.60
CA ASN B 175 -15.01 -0.23 4.56
C ASN B 175 -15.19 1.12 3.90
N GLU B 176 -16.45 1.55 3.79
CA GLU B 176 -16.79 2.82 3.15
C GLU B 176 -16.72 4.00 4.11
N GLU B 177 -16.59 3.77 5.41
CA GLU B 177 -16.52 4.86 6.36
C GLU B 177 -15.16 5.55 6.27
N PRO B 178 -15.11 6.87 6.11
CA PRO B 178 -13.81 7.56 6.02
C PRO B 178 -12.94 7.38 7.25
N GLY B 179 -13.53 7.06 8.40
CA GLY B 179 -12.70 6.80 9.57
C GLY B 179 -11.71 5.68 9.33
N TYR B 180 -12.15 4.60 8.68
CA TYR B 180 -11.25 3.49 8.43
C TYR B 180 -10.12 3.89 7.49
N VAL B 181 -10.44 4.63 6.42
CA VAL B 181 -9.39 4.99 5.47
C VAL B 181 -8.39 5.93 6.12
N LEU B 182 -8.86 6.85 6.96
CA LEU B 182 -7.94 7.75 7.66
C LEU B 182 -7.06 6.96 8.62
N PHE B 183 -7.64 6.07 9.42
CA PHE B 183 -6.85 5.34 10.39
C PHE B 183 -5.85 4.41 9.70
N SER B 184 -6.27 3.75 8.61
CA SER B 184 -5.34 2.90 7.87
C SER B 184 -4.22 3.71 7.26
N ALA B 185 -4.54 4.86 6.67
CA ALA B 185 -3.50 5.73 6.12
C ALA B 185 -2.49 6.11 7.18
N LEU B 186 -2.97 6.60 8.32
CA LEU B 186 -2.07 6.95 9.42
C LEU B 186 -1.22 5.74 9.83
N GLY B 187 -1.86 4.71 10.37
CA GLY B 187 -1.16 3.59 10.96
C GLY B 187 -0.37 2.73 10.00
N SER B 188 -0.53 2.92 8.69
CA SER B 188 0.23 2.14 7.72
C SER B 188 1.20 2.97 6.90
N PHE B 189 1.12 4.29 6.93
CA PHE B 189 2.15 5.04 6.23
C PHE B 189 2.82 6.10 7.09
N TYR B 190 2.07 6.84 7.90
CA TYR B 190 2.58 8.09 8.44
C TYR B 190 3.37 7.92 9.73
N LEU B 191 2.94 7.04 10.62
CA LEU B 191 3.77 6.75 11.79
C LEU B 191 5.10 6.11 11.40
N PRO B 192 5.14 5.05 10.58
CA PRO B 192 6.44 4.58 10.09
C PRO B 192 7.19 5.62 9.29
N LEU B 193 6.50 6.47 8.54
CA LEU B 193 7.18 7.53 7.82
C LEU B 193 7.85 8.49 8.79
N ALA B 194 7.15 8.87 9.86
CA ALA B 194 7.75 9.76 10.85
C ALA B 194 8.97 9.12 11.50
N ILE B 195 8.84 7.85 11.89
CA ILE B 195 9.98 7.15 12.50
C ILE B 195 11.17 7.14 11.56
N ILE B 196 10.95 6.73 10.31
CA ILE B 196 12.03 6.59 9.35
C ILE B 196 12.67 7.94 9.05
N LEU B 197 11.84 8.97 8.87
CA LEU B 197 12.37 10.28 8.53
C LEU B 197 13.22 10.84 9.67
N VAL B 198 12.73 10.74 10.90
CA VAL B 198 13.52 11.21 12.04
C VAL B 198 14.82 10.43 12.14
N MET B 199 14.74 9.11 11.95
CA MET B 199 15.90 8.29 12.22
C MET B 199 16.98 8.39 11.14
N TYR B 200 16.59 8.53 9.87
CA TYR B 200 17.61 8.90 8.89
C TYR B 200 18.01 10.36 8.92
N CYS B 201 17.22 11.25 9.53
CA CYS B 201 17.77 12.55 9.86
C CYS B 201 18.95 12.40 10.82
N ARG B 202 18.77 11.56 11.85
CA ARG B 202 19.87 11.27 12.76
C ARG B 202 21.04 10.60 12.03
N VAL B 203 20.74 9.65 11.14
CA VAL B 203 21.80 8.93 10.43
C VAL B 203 22.60 9.88 9.55
N TYR B 204 21.92 10.75 8.82
CA TYR B 204 22.62 11.70 7.96
C TYR B 204 23.43 12.68 8.79
N VAL B 205 22.88 13.15 9.92
CA VAL B 205 23.63 14.06 10.78
C VAL B 205 24.91 13.39 11.27
N VAL B 206 24.80 12.14 11.74
CA VAL B 206 25.96 11.43 12.27
C VAL B 206 26.98 11.19 11.16
N ALA B 207 26.53 10.75 9.99
CA ALA B 207 27.46 10.46 8.90
C ALA B 207 28.19 11.72 8.45
N LYS B 208 27.48 12.84 8.34
CA LYS B 208 28.12 14.08 7.90
C LYS B 208 28.99 14.69 8.98
N ARG B 209 28.71 14.43 10.26
CA ARG B 209 29.52 14.99 11.34
C ARG B 209 30.63 14.03 11.76
N GLU B 210 30.28 12.80 12.08
CA GLU B 210 31.26 11.81 12.51
C GLU B 210 31.93 11.13 11.32
N LEU B 311 37.22 0.96 9.05
CA LEU B 311 36.83 -0.04 8.08
C LEU B 311 35.36 -0.40 8.23
N LYS B 312 34.96 -0.73 9.46
CA LYS B 312 33.56 -1.03 9.73
C LYS B 312 32.68 0.18 9.44
N PHE B 313 33.14 1.37 9.83
CA PHE B 313 32.37 2.58 9.61
C PHE B 313 32.06 2.78 8.13
N SER B 314 33.06 2.62 7.27
CA SER B 314 32.86 2.82 5.85
C SER B 314 31.90 1.79 5.26
N ARG B 315 32.06 0.52 5.66
CA ARG B 315 31.19 -0.53 5.14
C ARG B 315 29.73 -0.28 5.52
N GLU B 316 29.49 -0.01 6.80
CA GLU B 316 28.11 0.20 7.22
C GLU B 316 27.58 1.53 6.71
N LYS B 317 28.46 2.50 6.40
CA LYS B 317 28.01 3.72 5.75
C LYS B 317 27.56 3.45 4.32
N LYS B 318 28.28 2.58 3.61
CA LYS B 318 27.83 2.19 2.27
C LYS B 318 26.47 1.50 2.34
N ALA B 319 26.30 0.60 3.31
CA ALA B 319 25.01 -0.06 3.49
C ALA B 319 23.93 0.97 3.81
N ALA B 320 24.24 1.95 4.65
CA ALA B 320 23.29 2.99 4.99
C ALA B 320 22.90 3.81 3.77
N LYS B 321 23.87 4.13 2.91
CA LYS B 321 23.55 4.88 1.70
C LYS B 321 22.64 4.09 0.78
N THR B 322 22.92 2.80 0.60
CA THR B 322 22.07 1.98 -0.26
C THR B 322 20.64 1.91 0.27
N LEU B 323 20.49 1.58 1.55
CA LEU B 323 19.15 1.47 2.10
C LEU B 323 18.47 2.83 2.21
N GLY B 324 19.25 3.92 2.33
CA GLY B 324 18.65 5.24 2.30
C GLY B 324 18.11 5.60 0.93
N ILE B 325 18.81 5.20 -0.13
CA ILE B 325 18.27 5.37 -1.47
C ILE B 325 16.98 4.57 -1.64
N VAL B 326 16.97 3.33 -1.14
CA VAL B 326 15.75 2.51 -1.19
C VAL B 326 14.61 3.22 -0.48
N VAL B 327 14.87 3.69 0.75
CA VAL B 327 13.83 4.34 1.55
C VAL B 327 13.34 5.62 0.89
N GLY B 328 14.26 6.40 0.34
CA GLY B 328 13.86 7.63 -0.34
C GLY B 328 12.96 7.35 -1.53
N CYS B 329 13.33 6.36 -2.35
CA CYS B 329 12.47 6.01 -3.47
C CYS B 329 11.10 5.55 -2.99
N PHE B 330 11.07 4.73 -1.94
CA PHE B 330 9.79 4.26 -1.39
C PHE B 330 8.93 5.43 -0.94
N VAL B 331 9.52 6.36 -0.19
CA VAL B 331 8.74 7.48 0.35
C VAL B 331 8.23 8.37 -0.78
N LEU B 332 9.11 8.73 -1.72
CA LEU B 332 8.69 9.61 -2.81
C LEU B 332 7.61 8.97 -3.67
N CYS B 333 7.70 7.68 -3.93
CA CYS B 333 6.74 7.05 -4.82
C CYS B 333 5.53 6.44 -4.11
N TRP B 334 5.48 6.52 -2.77
CA TRP B 334 4.27 6.15 -2.04
C TRP B 334 3.54 7.33 -1.44
N LEU B 335 4.19 8.49 -1.33
CA LEU B 335 3.52 9.66 -0.75
C LEU B 335 2.31 10.14 -1.52
N PRO B 336 2.30 10.20 -2.86
CA PRO B 336 1.11 10.75 -3.55
C PRO B 336 -0.18 9.99 -3.24
N PHE B 337 -0.10 8.66 -3.11
CA PHE B 337 -1.30 7.87 -2.84
C PHE B 337 -1.91 8.25 -1.49
N PHE B 338 -1.10 8.24 -0.44
CA PHE B 338 -1.53 8.58 0.90
C PHE B 338 -1.65 10.07 1.12
N LEU B 339 -1.40 10.87 0.09
CA LEU B 339 -1.75 12.28 0.10
C LEU B 339 -3.05 12.57 -0.64
N VAL B 340 -3.41 11.75 -1.62
CA VAL B 340 -4.62 11.99 -2.38
C VAL B 340 -5.84 11.29 -1.78
N MET B 341 -5.68 10.11 -1.18
CA MET B 341 -6.84 9.50 -0.50
C MET B 341 -7.31 10.30 0.70
N PRO B 342 -6.47 10.72 1.64
CA PRO B 342 -6.97 11.55 2.74
C PRO B 342 -7.56 12.88 2.29
N ILE B 343 -7.07 13.45 1.19
CA ILE B 343 -7.67 14.68 0.68
C ILE B 343 -9.11 14.44 0.28
N GLY B 344 -9.37 13.34 -0.43
CA GLY B 344 -10.74 13.01 -0.78
C GLY B 344 -11.58 12.68 0.44
N SER B 345 -10.99 12.02 1.43
CA SER B 345 -11.75 11.63 2.62
C SER B 345 -12.15 12.85 3.46
N PHE B 346 -11.25 13.84 3.56
CA PHE B 346 -11.56 15.02 4.38
C PHE B 346 -12.76 15.77 3.82
N PHE B 347 -12.62 16.31 2.60
CA PHE B 347 -13.69 17.06 1.96
C PHE B 347 -14.14 16.27 0.73
N PRO B 348 -15.41 15.86 0.65
CA PRO B 348 -15.87 14.99 -0.43
C PRO B 348 -16.15 15.73 -1.74
N ASP B 349 -15.25 16.64 -2.11
CA ASP B 349 -15.35 17.31 -3.41
C ASP B 349 -14.00 17.46 -4.12
N PHE B 350 -12.90 17.04 -3.52
CA PHE B 350 -11.58 17.28 -4.08
C PHE B 350 -10.95 16.03 -4.70
N LYS B 351 -11.76 15.18 -5.32
CA LYS B 351 -11.24 14.12 -6.16
C LYS B 351 -10.94 14.72 -7.52
N PRO B 352 -9.69 14.95 -7.89
CA PRO B 352 -9.39 15.66 -9.13
C PRO B 352 -9.95 14.95 -10.35
N SER B 353 -9.53 13.71 -10.56
CA SER B 353 -10.01 12.89 -11.66
C SER B 353 -9.57 11.45 -11.42
N GLU B 354 -10.15 10.53 -12.19
CA GLU B 354 -9.71 9.14 -12.14
C GLU B 354 -8.25 9.04 -12.57
N THR B 355 -7.81 9.98 -13.41
CA THR B 355 -6.46 9.97 -13.93
C THR B 355 -5.43 10.03 -12.81
N VAL B 356 -5.58 10.99 -11.89
CA VAL B 356 -4.59 11.13 -10.82
C VAL B 356 -4.61 9.92 -9.90
N PHE B 357 -5.80 9.36 -9.66
CA PHE B 357 -5.89 8.19 -8.79
C PHE B 357 -5.19 6.99 -9.42
N LYS B 358 -5.47 6.72 -10.70
CA LYS B 358 -4.80 5.61 -11.37
C LYS B 358 -3.30 5.83 -11.38
N ILE B 359 -2.86 7.06 -11.65
CA ILE B 359 -1.43 7.36 -11.73
C ILE B 359 -0.76 7.12 -10.38
N VAL B 360 -1.34 7.62 -9.30
CA VAL B 360 -0.69 7.49 -7.99
C VAL B 360 -0.70 6.03 -7.54
N PHE B 361 -1.80 5.32 -7.78
CA PHE B 361 -1.87 3.91 -7.40
C PHE B 361 -0.80 3.09 -8.11
N TRP B 362 -0.73 3.23 -9.43
CA TRP B 362 0.24 2.44 -10.17
C TRP B 362 1.66 2.94 -9.96
N LEU B 363 1.83 4.21 -9.60
CA LEU B 363 3.14 4.69 -9.18
C LEU B 363 3.59 3.98 -7.92
N GLY B 364 2.70 3.86 -6.93
CA GLY B 364 3.06 3.15 -5.70
C GLY B 364 3.39 1.69 -5.95
N TYR B 365 2.61 1.02 -6.79
CA TYR B 365 2.89 -0.41 -6.99
C TYR B 365 4.10 -0.64 -7.88
N LEU B 366 4.32 0.23 -8.88
CA LEU B 366 5.58 0.20 -9.61
C LEU B 366 6.76 0.46 -8.68
N ASN B 367 6.56 1.31 -7.66
CA ASN B 367 7.58 1.51 -6.64
C ASN B 367 7.87 0.23 -5.88
N SER B 368 6.82 -0.49 -5.52
CA SER B 368 7.01 -1.82 -4.95
C SER B 368 7.82 -2.72 -5.89
N CYS B 369 7.68 -2.50 -7.18
CA CYS B 369 8.46 -3.25 -8.18
C CYS B 369 9.91 -2.76 -8.31
N ILE B 370 10.16 -1.50 -7.99
CA ILE B 370 11.41 -0.84 -8.39
C ILE B 370 12.62 -1.40 -7.67
N ASN B 371 12.48 -1.77 -6.40
CA ASN B 371 13.64 -2.02 -5.53
C ASN B 371 14.74 -2.92 -6.12
N PRO B 372 14.43 -4.00 -6.85
CA PRO B 372 15.52 -4.78 -7.46
C PRO B 372 16.39 -3.98 -8.41
N ILE B 373 15.88 -2.88 -8.99
CA ILE B 373 16.74 -1.99 -9.76
C ILE B 373 17.67 -1.23 -8.82
N ILE B 374 17.17 -0.79 -7.68
CA ILE B 374 17.95 0.05 -6.78
C ILE B 374 19.09 -0.73 -6.16
N TYR B 375 18.87 -2.02 -5.87
CA TYR B 375 19.89 -2.79 -5.15
C TYR B 375 21.25 -2.82 -5.83
N PRO B 376 21.37 -3.08 -7.13
CA PRO B 376 22.70 -3.01 -7.76
C PRO B 376 23.14 -1.60 -8.11
N CYS B 377 22.21 -0.66 -8.25
CA CYS B 377 22.57 0.71 -8.62
C CYS B 377 23.46 1.36 -7.58
N SER B 378 23.36 0.93 -6.31
CA SER B 378 24.14 1.51 -5.23
C SER B 378 25.09 0.52 -4.57
N SER B 379 24.75 -0.76 -4.52
CA SER B 379 25.57 -1.77 -3.85
C SER B 379 26.37 -2.55 -4.88
N GLN B 380 27.69 -2.45 -4.82
CA GLN B 380 28.54 -3.19 -5.74
C GLN B 380 28.52 -4.68 -5.44
N GLU B 381 28.49 -5.05 -4.15
CA GLU B 381 28.44 -6.45 -3.78
C GLU B 381 27.15 -7.11 -4.25
N PHE B 382 26.03 -6.37 -4.19
CA PHE B 382 24.78 -6.90 -4.72
C PHE B 382 24.86 -7.09 -6.22
N LYS B 383 25.51 -6.16 -6.94
CA LYS B 383 25.71 -6.33 -8.37
C LYS B 383 26.54 -7.57 -8.66
N LYS B 384 27.59 -7.80 -7.88
CA LYS B 384 28.41 -9.00 -8.08
C LYS B 384 27.61 -10.25 -7.80
N ALA B 385 26.79 -10.24 -6.75
CA ALA B 385 25.96 -11.41 -6.43
C ALA B 385 24.98 -11.70 -7.56
N PHE B 386 24.35 -10.66 -8.11
CA PHE B 386 23.45 -10.85 -9.23
C PHE B 386 24.17 -11.37 -10.46
N GLN B 387 25.40 -10.88 -10.70
CA GLN B 387 26.17 -11.40 -11.82
C GLN B 387 26.51 -12.87 -11.63
N ASN B 388 26.87 -13.27 -10.41
CA ASN B 388 27.18 -14.68 -10.16
C ASN B 388 25.96 -15.57 -10.29
N VAL B 389 24.80 -15.10 -9.81
CA VAL B 389 23.62 -15.97 -9.80
C VAL B 389 23.12 -16.23 -11.22
N LEU B 390 23.47 -15.36 -12.17
CA LEU B 390 23.18 -15.65 -13.58
C LEU B 390 24.36 -16.36 -14.24
#